data_7HOU
#
_entry.id   7HOU
#
_cell.length_a   42.503
_cell.length_b   42.503
_cell.length_c   216.415
_cell.angle_alpha   90.00
_cell.angle_beta   90.00
_cell.angle_gamma   90.00
#
_symmetry.space_group_name_H-M   'P 43 2 2'
#
loop_
_entity.id
_entity.type
_entity.pdbx_description
1 polymer 'Serine protease subunit NS2B'
2 polymer 'Serine protease NS3'
3 non-polymer 'DIMETHYL SULFOXIDE'
4 non-polymer (2P)-2-(6-fluoro-5-methylpyridin-3-yl)-N-(1-methyl-1H-pyrazol-4-yl)benzamide
5 non-polymer 'SULFATE ION'
6 water water
#
loop_
_entity_poly.entity_id
_entity_poly.type
_entity_poly.pdbx_seq_one_letter_code
_entity_poly.pdbx_strand_id
1 'polypeptide(L)' SMGKSVDMYIERAGDITWEKDAEVTGNSPRLDVALDESGDFSLVEE A
2 'polypeptide(L)'
;MKEVKKGETTDGVYRVMTRRLLGSTQVGVGVMQEGVFHTMWHVTKGAALRSGEGRLDPYWGDVKQDLVSYCGPWKLDAAW
DGLSEVQLLAVPPGERAKNIQTLPGIFKTKDGDIGAVALDYPAGTSGSPILDKCGRVIGLYGNGVVIKNGSYVSAITQGK
REEETPVE
;
B
#
loop_
_chem_comp.id
_chem_comp.type
_chem_comp.name
_chem_comp.formula
A1BG3 non-polymer (2P)-2-(6-fluoro-5-methylpyridin-3-yl)-N-(1-methyl-1H-pyrazol-4-yl)benzamide 'C17 H15 F N4 O'
DMS non-polymer 'DIMETHYL SULFOXIDE' 'C2 H6 O S'
SO4 non-polymer 'SULFATE ION' 'O4 S -2'
#
# COMPACT_ATOMS: atom_id res chain seq x y z
N ASP A 7 -2.10 6.87 20.04
CA ASP A 7 -3.38 6.14 19.85
C ASP A 7 -3.97 6.50 18.47
N MET A 8 -4.16 5.49 17.64
CA MET A 8 -4.27 5.67 16.18
C MET A 8 -5.74 5.72 15.81
N TYR A 9 -6.10 6.58 14.87
CA TYR A 9 -7.48 6.75 14.40
C TYR A 9 -7.46 6.85 12.88
N ILE A 10 -8.60 6.52 12.27
CA ILE A 10 -8.76 6.53 10.79
C ILE A 10 -9.73 7.66 10.35
N GLU A 11 -9.52 8.17 9.13
CA GLU A 11 -10.31 9.29 8.53
C GLU A 11 -10.53 8.96 7.04
N ARG A 12 -11.78 8.95 6.58
CA ARG A 12 -12.04 8.54 5.18
C ARG A 12 -11.33 9.55 4.27
N ALA A 13 -10.75 9.10 3.16
CA ALA A 13 -10.03 9.97 2.18
C ALA A 13 -10.58 9.85 0.76
N GLY A 14 -11.47 8.91 0.44
CA GLY A 14 -11.97 8.80 -0.93
C GLY A 14 -12.64 7.49 -1.18
N ASP A 15 -13.29 7.39 -2.34
CA ASP A 15 -13.78 6.14 -2.96
C ASP A 15 -12.57 5.47 -3.66
N ILE A 16 -12.63 4.15 -3.81
CA ILE A 16 -11.63 3.43 -4.62
C ILE A 16 -12.22 3.24 -6.01
N THR A 17 -11.70 4.02 -6.97
N THR A 17 -11.68 3.97 -7.00
N THR A 17 -11.70 4.02 -6.97
N THR A 17 -11.68 3.97 -7.00
CA THR A 17 -12.18 4.18 -8.38
CA THR A 17 -12.23 4.05 -8.37
CA THR A 17 -12.18 4.18 -8.38
CA THR A 17 -12.23 4.05 -8.37
C THR A 17 -10.92 4.32 -9.31
C THR A 17 -11.04 4.37 -9.35
C THR A 17 -10.92 4.32 -9.31
C THR A 17 -11.04 4.37 -9.35
N TRP A 18 -11.06 3.52 -10.47
CA TRP A 18 -10.18 3.80 -11.63
C TRP A 18 -10.58 5.18 -12.15
N GLU A 19 -9.61 6.02 -12.52
N GLU A 19 -9.61 6.02 -12.52
N GLU A 19 -9.59 6.05 -12.44
N GLU A 19 -9.59 6.05 -12.44
CA GLU A 19 -9.86 7.38 -13.04
CA GLU A 19 -9.86 7.38 -13.04
CA GLU A 19 -9.78 7.40 -13.04
CA GLU A 19 -9.78 7.40 -13.04
C GLU A 19 -9.24 7.49 -14.44
C GLU A 19 -9.24 7.49 -14.44
C GLU A 19 -9.23 7.37 -14.47
C GLU A 19 -9.23 7.37 -14.47
N LYS A 20 -10.11 7.61 -15.47
CA LYS A 20 -9.68 7.75 -16.89
C LYS A 20 -8.85 9.02 -17.01
N ASP A 21 -7.73 8.97 -17.73
CA ASP A 21 -6.87 10.16 -17.96
C ASP A 21 -6.32 10.64 -16.57
N ALA A 22 -5.77 9.75 -15.70
CA ALA A 22 -4.85 10.19 -14.56
C ALA A 22 -3.31 10.22 -14.91
N GLU A 23 -2.57 11.19 -14.25
CA GLU A 23 -1.09 11.39 -14.46
C GLU A 23 -0.50 10.01 -14.67
N VAL A 24 0.20 9.84 -15.85
CA VAL A 24 0.81 8.49 -16.12
C VAL A 24 2.31 8.65 -15.95
N THR A 25 2.94 7.85 -15.05
CA THR A 25 4.36 8.08 -14.69
C THR A 25 4.94 6.77 -14.12
N GLY A 26 6.22 6.76 -13.77
CA GLY A 26 6.91 5.59 -13.21
C GLY A 26 7.44 4.66 -14.28
N ASN A 27 8.59 4.05 -14.04
CA ASN A 27 9.19 3.03 -14.91
C ASN A 27 8.80 1.63 -14.37
N SER A 28 9.32 0.55 -14.97
CA SER A 28 8.90 -0.86 -14.81
C SER A 28 10.13 -1.72 -14.59
N PRO A 29 10.92 -1.49 -13.53
CA PRO A 29 12.18 -2.19 -13.34
C PRO A 29 11.99 -3.66 -12.92
N ARG A 30 12.79 -4.55 -13.51
CA ARG A 30 12.90 -5.98 -13.11
C ARG A 30 14.07 -6.12 -12.11
N LEU A 31 13.79 -6.47 -10.84
CA LEU A 31 14.80 -6.47 -9.75
C LEU A 31 14.85 -7.85 -9.07
N ASP A 32 16.05 -8.40 -8.85
CA ASP A 32 16.28 -9.59 -7.99
C ASP A 32 16.24 -9.17 -6.53
N VAL A 33 15.27 -9.71 -5.80
CA VAL A 33 15.08 -9.31 -4.36
C VAL A 33 14.97 -10.58 -3.48
N ALA A 34 15.34 -10.40 -2.21
CA ALA A 34 15.16 -11.39 -1.13
C ALA A 34 14.24 -10.76 -0.08
N LEU A 35 13.39 -11.59 0.53
CA LEU A 35 12.46 -11.20 1.59
C LEU A 35 12.88 -11.95 2.87
N ASP A 36 13.20 -11.21 3.92
CA ASP A 36 13.71 -11.80 5.19
C ASP A 36 12.53 -12.05 6.13
N GLU A 37 12.82 -12.71 7.26
CA GLU A 37 11.74 -13.12 8.18
C GLU A 37 11.07 -11.88 8.80
N SER A 38 11.75 -10.73 8.88
CA SER A 38 11.19 -9.45 9.39
C SER A 38 10.36 -8.74 8.30
N GLY A 39 10.17 -9.32 7.12
CA GLY A 39 9.33 -8.70 6.06
C GLY A 39 10.02 -7.53 5.36
N ASP A 40 11.36 -7.44 5.42
CA ASP A 40 12.20 -6.46 4.69
C ASP A 40 12.68 -7.11 3.39
N PHE A 41 12.38 -6.45 2.28
CA PHE A 41 12.94 -6.78 0.95
C PHE A 41 14.36 -6.27 0.88
N SER A 42 15.25 -6.93 0.15
CA SER A 42 16.63 -6.45 -0.08
C SER A 42 17.05 -6.81 -1.50
N LEU A 43 17.92 -6.01 -2.11
CA LEU A 43 18.42 -6.30 -3.48
C LEU A 43 19.47 -7.41 -3.41
N VAL A 44 19.25 -8.49 -4.15
CA VAL A 44 20.29 -9.49 -4.53
C VAL A 44 21.03 -8.93 -5.75
N GLU A 45 22.26 -9.37 -6.00
CA GLU A 45 23.06 -8.87 -7.15
C GLU A 45 23.91 -9.99 -7.76
N GLY B 7 -18.42 3.28 14.53
CA GLY B 7 -17.47 3.97 13.59
C GLY B 7 -17.93 3.96 12.13
N GLU B 8 -17.30 4.79 11.30
CA GLU B 8 -17.49 4.82 9.82
C GLU B 8 -17.03 3.49 9.19
N THR B 9 -17.94 2.80 8.50
N THR B 9 -17.96 2.81 8.52
N THR B 9 -17.94 2.80 8.50
N THR B 9 -17.96 2.81 8.52
CA THR B 9 -17.70 1.45 7.92
CA THR B 9 -17.79 1.44 7.95
CA THR B 9 -17.70 1.45 7.92
CA THR B 9 -17.79 1.44 7.95
C THR B 9 -17.96 1.46 6.41
C THR B 9 -17.79 1.50 6.42
C THR B 9 -17.96 1.46 6.41
C THR B 9 -17.79 1.50 6.42
N THR B 10 -18.22 2.62 5.81
CA THR B 10 -18.38 2.76 4.35
C THR B 10 -17.10 2.26 3.67
N ASP B 11 -17.23 1.39 2.68
CA ASP B 11 -16.08 1.08 1.76
C ASP B 11 -15.35 2.39 1.39
N GLY B 12 -14.02 2.28 1.25
CA GLY B 12 -13.18 3.31 0.62
C GLY B 12 -11.79 3.28 1.19
N VAL B 13 -11.05 4.35 0.92
CA VAL B 13 -9.64 4.52 1.37
C VAL B 13 -9.64 5.51 2.54
N TYR B 14 -8.78 5.24 3.53
CA TYR B 14 -8.74 5.99 4.79
C TYR B 14 -7.31 6.30 5.12
N ARG B 15 -7.13 7.42 5.80
CA ARG B 15 -5.83 7.79 6.41
C ARG B 15 -5.73 7.12 7.79
N VAL B 16 -4.53 6.74 8.17
CA VAL B 16 -4.20 6.27 9.53
C VAL B 16 -3.33 7.32 10.21
N MET B 17 -3.85 7.90 11.29
CA MET B 17 -3.30 9.09 11.98
C MET B 17 -2.88 8.72 13.41
N THR B 18 -1.96 9.49 14.00
CA THR B 18 -1.65 9.43 15.44
C THR B 18 -1.50 10.86 16.01
N ARG B 19 -1.77 11.02 17.32
CA ARG B 19 -1.49 12.28 18.07
C ARG B 19 -0.33 12.10 19.08
N ARG B 20 0.40 10.99 19.01
CA ARG B 20 1.45 10.61 20.00
C ARG B 20 2.75 11.36 19.66
N LEU B 21 2.73 12.14 18.57
CA LEU B 21 3.86 12.95 18.09
C LEU B 21 3.39 14.42 18.02
N LEU B 22 4.13 15.30 17.35
CA LEU B 22 3.75 16.74 17.21
C LEU B 22 2.50 16.83 16.34
N GLY B 23 1.51 17.65 16.72
CA GLY B 23 0.21 17.72 16.03
C GLY B 23 -0.40 16.33 15.77
N SER B 24 -1.15 16.23 14.67
CA SER B 24 -1.73 14.99 14.11
C SER B 24 -0.85 14.56 12.94
N THR B 25 -0.26 13.37 13.01
CA THR B 25 0.74 12.88 12.02
C THR B 25 0.16 11.67 11.30
N GLN B 26 0.26 11.64 9.97
CA GLN B 26 -0.27 10.51 9.16
C GLN B 26 0.84 9.46 9.10
N VAL B 27 0.59 8.30 9.68
CA VAL B 27 1.56 7.17 9.73
C VAL B 27 1.31 6.24 8.55
N GLY B 28 0.11 6.23 7.96
CA GLY B 28 -0.14 5.49 6.70
C GLY B 28 -1.63 5.54 6.32
N VAL B 29 -2.07 4.55 5.56
CA VAL B 29 -3.34 4.51 4.76
C VAL B 29 -3.90 3.09 4.84
N GLY B 30 -5.19 2.90 4.58
CA GLY B 30 -5.75 1.56 4.41
C GLY B 30 -7.05 1.53 3.69
N VAL B 31 -7.54 0.32 3.48
CA VAL B 31 -8.73 0.00 2.67
C VAL B 31 -9.83 -0.57 3.54
N MET B 32 -11.01 0.06 3.51
CA MET B 32 -12.22 -0.50 4.13
C MET B 32 -13.04 -1.21 3.02
N GLN B 33 -13.28 -2.50 3.21
CA GLN B 33 -14.02 -3.34 2.25
C GLN B 33 -14.75 -4.42 3.00
N GLU B 34 -16.04 -4.57 2.72
CA GLU B 34 -16.93 -5.54 3.39
C GLU B 34 -16.79 -5.45 4.92
N GLY B 35 -16.64 -4.27 5.51
CA GLY B 35 -16.60 -4.11 6.99
C GLY B 35 -15.27 -4.53 7.62
N VAL B 36 -14.26 -4.81 6.80
CA VAL B 36 -12.87 -5.11 7.24
C VAL B 36 -11.91 -4.00 6.80
N PHE B 37 -11.08 -3.53 7.73
CA PHE B 37 -10.01 -2.55 7.49
C PHE B 37 -8.70 -3.29 7.22
N HIS B 38 -8.10 -2.95 6.10
CA HIS B 38 -6.86 -3.56 5.53
C HIS B 38 -5.73 -2.54 5.49
N THR B 39 -4.58 -2.84 6.10
CA THR B 39 -3.39 -1.97 6.03
C THR B 39 -2.13 -2.81 6.08
N MET B 40 -0.99 -2.12 6.12
CA MET B 40 0.33 -2.79 6.24
C MET B 40 0.73 -2.86 7.73
N TRP B 41 1.39 -3.98 8.09
N TRP B 41 1.39 -3.97 8.10
N TRP B 41 1.39 -3.98 8.09
N TRP B 41 1.39 -3.97 8.10
CA TRP B 41 1.76 -4.24 9.50
CA TRP B 41 1.74 -4.22 9.53
CA TRP B 41 1.76 -4.24 9.50
CA TRP B 41 1.74 -4.22 9.53
C TRP B 41 2.62 -3.07 10.06
C TRP B 41 2.65 -3.10 10.08
C TRP B 41 2.62 -3.07 10.06
C TRP B 41 2.65 -3.10 10.08
N HIS B 42 3.59 -2.61 9.17
CA HIS B 42 4.56 -1.58 9.66
C HIS B 42 3.83 -0.24 9.97
N VAL B 43 2.60 -0.02 9.54
CA VAL B 43 1.84 1.24 9.82
C VAL B 43 1.35 1.21 11.28
N THR B 44 0.67 0.13 11.69
CA THR B 44 -0.06 0.06 13.00
C THR B 44 0.75 -0.73 14.02
N LYS B 45 1.68 -1.57 13.55
CA LYS B 45 2.38 -2.61 14.36
C LYS B 45 1.34 -3.47 15.11
N GLY B 46 0.15 -3.66 14.56
CA GLY B 46 -0.90 -4.51 15.14
C GLY B 46 -1.69 -3.83 16.25
N ALA B 47 -1.54 -2.52 16.48
CA ALA B 47 -2.30 -1.78 17.53
C ALA B 47 -3.76 -1.62 17.12
N ALA B 48 -4.64 -1.45 18.10
CA ALA B 48 -6.06 -1.11 17.86
C ALA B 48 -6.16 0.29 17.26
N LEU B 49 -7.27 0.54 16.59
CA LEU B 49 -7.59 1.82 15.88
C LEU B 49 -8.93 2.33 16.37
N ARG B 50 -9.05 3.65 16.36
CA ARG B 50 -10.32 4.32 16.64
C ARG B 50 -10.91 4.76 15.29
N SER B 51 -12.21 4.58 15.12
CA SER B 51 -13.04 5.21 14.06
C SER B 51 -14.20 5.98 14.73
N GLY B 52 -14.09 7.31 14.86
CA GLY B 52 -15.02 8.10 15.69
C GLY B 52 -14.93 7.66 17.15
N GLU B 53 -16.03 7.17 17.73
CA GLU B 53 -16.00 6.61 19.10
C GLU B 53 -15.92 5.08 19.05
N GLY B 54 -15.91 4.49 17.86
CA GLY B 54 -15.79 3.03 17.63
C GLY B 54 -14.34 2.55 17.74
N ARG B 55 -14.15 1.30 18.15
CA ARG B 55 -12.81 0.66 18.22
C ARG B 55 -12.69 -0.36 17.08
N LEU B 56 -11.54 -0.47 16.44
CA LEU B 56 -11.29 -1.53 15.45
C LEU B 56 -10.23 -2.43 16.07
N ASP B 57 -10.52 -3.71 16.29
CA ASP B 57 -9.49 -4.63 16.83
C ASP B 57 -8.84 -5.41 15.70
N PRO B 58 -7.52 -5.67 15.80
CA PRO B 58 -6.83 -6.55 14.86
C PRO B 58 -7.50 -7.94 14.86
N TYR B 59 -7.58 -8.56 13.70
CA TYR B 59 -8.18 -9.88 13.49
C TYR B 59 -7.12 -10.86 12.97
N TRP B 60 -6.35 -10.45 11.99
CA TRP B 60 -5.29 -11.25 11.32
C TRP B 60 -4.08 -10.37 11.02
N GLY B 61 -2.88 -10.91 11.17
CA GLY B 61 -1.66 -10.19 10.76
C GLY B 61 -0.51 -11.09 10.53
N ASP B 62 0.48 -10.62 9.81
CA ASP B 62 1.70 -11.38 9.46
C ASP B 62 2.80 -10.37 9.15
N VAL B 63 3.83 -10.31 10.01
CA VAL B 63 4.98 -9.40 9.87
C VAL B 63 5.73 -9.75 8.58
N LYS B 64 5.72 -10.98 8.10
CA LYS B 64 6.55 -11.28 6.89
C LYS B 64 5.85 -10.77 5.61
N GLN B 65 4.55 -11.00 5.52
CA GLN B 65 3.71 -10.44 4.43
C GLN B 65 3.57 -8.92 4.60
N ASP B 66 3.86 -8.38 5.79
CA ASP B 66 3.66 -6.96 6.21
C ASP B 66 2.23 -6.51 5.98
N LEU B 67 1.22 -7.31 6.33
CA LEU B 67 -0.25 -7.06 6.21
C LEU B 67 -0.97 -7.27 7.54
N VAL B 68 -2.10 -6.60 7.72
CA VAL B 68 -2.97 -6.75 8.93
C VAL B 68 -4.41 -6.40 8.53
N SER B 69 -5.39 -7.12 9.04
CA SER B 69 -6.83 -6.85 8.86
C SER B 69 -7.47 -6.57 10.21
N TYR B 70 -8.51 -5.75 10.22
CA TYR B 70 -9.24 -5.32 11.44
C TYR B 70 -10.70 -5.72 11.24
N CYS B 71 -11.34 -6.26 12.31
CA CYS B 71 -12.80 -6.53 12.39
C CYS B 71 -13.13 -7.83 11.61
N GLY B 72 -12.17 -8.51 10.94
CA GLY B 72 -12.55 -9.67 10.12
C GLY B 72 -11.32 -10.18 9.41
N PRO B 73 -11.47 -11.25 8.68
CA PRO B 73 -10.40 -11.80 7.79
C PRO B 73 -10.13 -10.93 6.54
N TRP B 74 -8.89 -11.01 6.02
CA TRP B 74 -8.48 -10.34 4.77
C TRP B 74 -9.51 -10.63 3.66
N LYS B 75 -10.05 -9.59 2.99
CA LYS B 75 -11.13 -9.71 1.96
C LYS B 75 -10.61 -9.49 0.52
N LEU B 76 -9.44 -8.88 0.32
CA LEU B 76 -8.96 -8.42 -1.02
C LEU B 76 -8.21 -9.55 -1.72
N ASP B 77 -8.72 -9.98 -2.88
CA ASP B 77 -8.18 -11.21 -3.53
C ASP B 77 -7.85 -10.96 -5.00
N ALA B 78 -7.99 -9.76 -5.52
CA ALA B 78 -7.65 -9.52 -6.93
C ALA B 78 -6.13 -9.52 -7.09
N ALA B 79 -5.68 -9.89 -8.30
CA ALA B 79 -4.26 -10.03 -8.64
C ALA B 79 -3.94 -9.19 -9.88
N TRP B 80 -2.77 -8.52 -9.90
CA TRP B 80 -2.13 -7.98 -11.12
C TRP B 80 -2.17 -9.06 -12.20
N ASP B 81 -2.56 -8.67 -13.42
CA ASP B 81 -2.70 -9.60 -14.57
C ASP B 81 -1.30 -10.01 -15.07
N GLY B 82 -0.27 -9.18 -14.83
CA GLY B 82 1.11 -9.37 -15.30
C GLY B 82 1.41 -8.56 -16.57
N LEU B 83 0.42 -7.83 -17.10
CA LEU B 83 0.44 -7.17 -18.43
C LEU B 83 0.02 -5.69 -18.36
N SER B 84 -1.12 -5.40 -17.74
CA SER B 84 -1.82 -4.09 -17.86
C SER B 84 -1.22 -3.06 -16.91
N GLU B 85 -1.37 -1.78 -17.27
CA GLU B 85 -1.08 -0.66 -16.33
C GLU B 85 -2.17 -0.85 -15.12
N VAL B 86 -1.71 -0.21 -14.03
CA VAL B 86 -2.45 -0.13 -12.74
C VAL B 86 -2.46 1.30 -12.28
N GLN B 87 -3.30 1.58 -11.28
CA GLN B 87 -3.25 2.92 -10.62
C GLN B 87 -2.93 2.78 -9.13
N LEU B 88 -1.91 3.51 -8.64
CA LEU B 88 -1.74 3.78 -7.20
C LEU B 88 -2.72 4.88 -6.82
N LEU B 89 -3.67 4.58 -5.94
CA LEU B 89 -4.47 5.65 -5.33
C LEU B 89 -3.65 6.14 -4.13
N ALA B 90 -2.69 7.02 -4.43
CA ALA B 90 -1.82 7.68 -3.44
C ALA B 90 -2.69 8.61 -2.59
N VAL B 91 -2.57 8.43 -1.26
CA VAL B 91 -3.12 9.34 -0.23
C VAL B 91 -1.95 9.86 0.59
N PRO B 92 -1.21 10.88 0.13
CA PRO B 92 -0.05 11.41 0.85
C PRO B 92 -0.46 12.28 2.05
N PRO B 93 0.48 12.45 3.02
CA PRO B 93 0.17 13.21 4.24
C PRO B 93 -0.17 14.68 3.90
N GLY B 94 -1.32 15.14 4.37
CA GLY B 94 -1.83 16.50 4.16
C GLY B 94 -2.31 16.80 2.73
N GLU B 95 -2.35 15.84 1.82
CA GLU B 95 -2.67 16.10 0.38
C GLU B 95 -3.84 15.20 -0.01
N ARG B 96 -4.62 15.64 -0.98
CA ARG B 96 -5.84 14.95 -1.47
C ARG B 96 -5.42 13.62 -2.10
N ALA B 97 -6.31 12.61 -1.95
CA ALA B 97 -6.18 11.33 -2.69
C ALA B 97 -5.92 11.69 -4.16
N LYS B 98 -4.96 11.03 -4.81
CA LYS B 98 -4.64 11.27 -6.26
C LYS B 98 -4.31 9.92 -6.91
N ASN B 99 -4.98 9.58 -8.02
CA ASN B 99 -4.64 8.42 -8.87
C ASN B 99 -3.37 8.70 -9.68
N ILE B 100 -2.46 7.74 -9.70
CA ILE B 100 -1.23 7.76 -10.52
C ILE B 100 -1.16 6.44 -11.28
N GLN B 101 -1.14 6.49 -12.60
CA GLN B 101 -1.25 5.29 -13.45
C GLN B 101 0.17 4.89 -13.87
N THR B 102 0.50 3.58 -13.82
CA THR B 102 1.88 3.09 -14.04
C THR B 102 1.83 1.61 -14.46
N LEU B 103 2.89 1.21 -15.19
CA LEU B 103 3.08 -0.21 -15.60
C LEU B 103 4.04 -0.82 -14.58
N PRO B 104 3.57 -1.77 -13.74
CA PRO B 104 4.45 -2.37 -12.75
C PRO B 104 5.65 -3.06 -13.43
N GLY B 105 6.81 -2.95 -12.78
CA GLY B 105 7.92 -3.90 -12.93
C GLY B 105 7.68 -5.15 -12.09
N ILE B 106 8.76 -5.92 -11.90
CA ILE B 106 8.78 -7.27 -11.28
C ILE B 106 9.87 -7.35 -10.21
N PHE B 107 9.51 -7.82 -9.04
CA PHE B 107 10.43 -8.36 -8.01
C PHE B 107 10.56 -9.87 -8.30
N LYS B 108 11.81 -10.29 -8.64
CA LYS B 108 12.15 -11.74 -8.83
C LYS B 108 12.70 -12.25 -7.49
N THR B 109 12.00 -13.20 -6.87
CA THR B 109 12.43 -13.86 -5.61
C THR B 109 12.53 -15.38 -5.80
N LYS B 110 13.23 -16.03 -4.89
CA LYS B 110 13.38 -17.51 -4.91
C LYS B 110 11.98 -18.16 -4.90
N ASP B 111 10.96 -17.52 -4.30
CA ASP B 111 9.60 -18.10 -4.15
C ASP B 111 8.63 -17.58 -5.19
N GLY B 112 9.11 -16.82 -6.18
CA GLY B 112 8.23 -16.33 -7.25
C GLY B 112 8.40 -14.86 -7.55
N ASP B 113 7.78 -14.45 -8.65
CA ASP B 113 7.76 -13.06 -9.17
C ASP B 113 6.60 -12.30 -8.50
N ILE B 114 6.81 -11.02 -8.20
CA ILE B 114 5.77 -10.13 -7.60
C ILE B 114 5.76 -8.83 -8.41
N GLY B 115 4.59 -8.25 -8.69
CA GLY B 115 4.49 -6.90 -9.31
C GLY B 115 5.18 -5.87 -8.44
N ALA B 116 5.76 -4.82 -9.03
CA ALA B 116 6.39 -3.74 -8.22
C ALA B 116 6.06 -2.41 -8.87
N VAL B 117 5.87 -1.35 -8.06
N VAL B 117 5.92 -1.36 -8.05
N VAL B 117 5.86 -1.36 -8.05
N VAL B 117 5.91 -1.36 -8.05
CA VAL B 117 5.56 0.01 -8.58
CA VAL B 117 5.54 0.03 -8.49
CA VAL B 117 5.56 0.01 -8.58
CA VAL B 117 5.54 0.03 -8.48
C VAL B 117 6.65 1.00 -8.19
C VAL B 117 6.68 1.00 -8.16
C VAL B 117 6.67 1.00 -8.18
C VAL B 117 6.69 1.00 -8.17
N ALA B 118 7.21 1.70 -9.19
CA ALA B 118 8.36 2.63 -9.00
C ALA B 118 7.83 4.05 -8.89
N LEU B 119 7.16 4.36 -7.78
CA LEU B 119 6.59 5.69 -7.50
C LEU B 119 7.06 6.10 -6.11
N ASP B 120 7.55 7.34 -5.98
CA ASP B 120 8.23 7.81 -4.74
C ASP B 120 7.23 8.67 -3.98
N TYR B 121 6.87 8.29 -2.75
CA TYR B 121 5.95 9.06 -1.89
C TYR B 121 6.48 9.02 -0.47
N PRO B 122 6.07 9.93 0.42
CA PRO B 122 6.53 9.91 1.80
C PRO B 122 6.07 8.57 2.42
N ALA B 123 6.76 8.14 3.48
CA ALA B 123 6.53 6.86 4.17
C ALA B 123 5.09 6.80 4.69
N GLY B 124 4.52 7.96 5.05
CA GLY B 124 3.16 8.06 5.59
C GLY B 124 2.10 7.68 4.56
N THR B 125 2.53 7.47 3.25
CA THR B 125 1.64 6.96 2.16
C THR B 125 1.46 5.42 2.19
N SER B 126 2.28 4.74 3.00
CA SER B 126 2.22 3.24 3.17
C SER B 126 0.77 2.77 3.41
N GLY B 127 0.32 1.78 2.62
CA GLY B 127 -1.06 1.18 2.70
C GLY B 127 -2.01 1.71 1.65
N SER B 128 -1.56 2.71 0.87
CA SER B 128 -2.37 3.14 -0.27
C SER B 128 -2.57 1.89 -1.18
N PRO B 129 -3.84 1.73 -1.66
CA PRO B 129 -4.20 0.66 -2.58
C PRO B 129 -3.78 0.87 -4.03
N ILE B 130 -3.40 -0.24 -4.63
CA ILE B 130 -3.08 -0.37 -6.07
C ILE B 130 -4.30 -1.04 -6.70
N LEU B 131 -4.83 -0.42 -7.78
CA LEU B 131 -6.12 -0.80 -8.43
C LEU B 131 -5.86 -1.37 -9.88
N ASP B 132 -6.78 -2.27 -10.27
CA ASP B 132 -6.86 -2.71 -11.69
C ASP B 132 -7.93 -1.85 -12.37
N LYS B 133 -8.20 -2.15 -13.65
CA LYS B 133 -9.03 -1.29 -14.52
C LYS B 133 -10.49 -1.38 -14.09
N CYS B 134 -10.87 -2.43 -13.34
CA CYS B 134 -12.25 -2.62 -12.83
C CYS B 134 -12.38 -2.01 -11.42
N GLY B 135 -11.35 -1.30 -10.94
CA GLY B 135 -11.34 -0.64 -9.62
C GLY B 135 -11.13 -1.63 -8.47
N ARG B 136 -10.71 -2.86 -8.76
CA ARG B 136 -10.44 -3.89 -7.70
C ARG B 136 -9.05 -3.66 -7.09
N VAL B 137 -8.95 -3.83 -5.75
CA VAL B 137 -7.65 -3.61 -5.03
C VAL B 137 -6.84 -4.88 -5.29
N ILE B 138 -5.72 -4.73 -5.99
CA ILE B 138 -4.78 -5.86 -6.29
C ILE B 138 -3.62 -5.91 -5.27
N GLY B 139 -3.53 -4.96 -4.34
CA GLY B 139 -2.54 -4.95 -3.24
C GLY B 139 -2.30 -3.58 -2.68
N LEU B 140 -1.34 -3.47 -1.78
CA LEU B 140 -1.07 -2.23 -1.02
C LEU B 140 0.38 -1.83 -1.29
N TYR B 141 0.58 -0.52 -1.38
CA TYR B 141 1.88 0.13 -1.66
C TYR B 141 2.53 0.49 -0.32
N GLY B 142 3.85 0.19 -0.17
N GLY B 142 3.85 0.19 -0.17
N GLY B 142 3.86 0.30 -0.24
N GLY B 142 3.86 0.30 -0.24
CA GLY B 142 4.56 0.51 1.09
CA GLY B 142 4.56 0.51 1.09
CA GLY B 142 4.66 0.76 0.92
CA GLY B 142 4.65 0.76 0.93
C GLY B 142 5.78 -0.37 1.37
C GLY B 142 5.78 -0.37 1.38
C GLY B 142 5.59 -0.29 1.53
C GLY B 142 5.59 -0.29 1.53
N ASN B 143 5.69 -1.67 1.05
N ASN B 143 5.69 -1.67 1.05
N ASN B 143 5.68 -1.51 0.86
N ASN B 143 5.67 -1.51 0.86
CA ASN B 143 6.79 -2.64 1.37
CA ASN B 143 6.79 -2.64 1.37
CA ASN B 143 6.73 -2.50 1.29
CA ASN B 143 6.73 -2.50 1.30
C ASN B 143 7.59 -2.89 0.06
C ASN B 143 7.59 -2.89 0.06
C ASN B 143 7.49 -2.93 -0.09
C ASN B 143 7.49 -2.93 -0.09
N GLY B 144 8.90 -2.36 0.11
CA GLY B 144 9.79 -2.62 -1.03
C GLY B 144 11.22 -2.24 -0.72
N VAL B 145 11.91 -1.62 -1.70
CA VAL B 145 13.38 -1.48 -1.67
C VAL B 145 13.80 -0.12 -2.23
N VAL B 146 14.94 0.39 -1.75
CA VAL B 146 15.62 1.61 -2.26
C VAL B 146 16.60 1.17 -3.34
N ILE B 147 16.59 1.79 -4.53
CA ILE B 147 17.32 1.22 -5.70
C ILE B 147 18.59 2.03 -5.94
N LYS B 148 19.44 1.57 -6.86
N LYS B 148 19.44 1.57 -6.86
N LYS B 148 19.45 1.55 -6.84
N LYS B 148 19.45 1.55 -6.84
CA LYS B 148 20.72 2.22 -7.27
CA LYS B 148 20.72 2.22 -7.27
CA LYS B 148 20.71 2.22 -7.25
CA LYS B 148 20.71 2.22 -7.25
C LYS B 148 20.55 3.74 -7.28
C LYS B 148 20.55 3.74 -7.28
C LYS B 148 20.52 3.74 -7.22
C LYS B 148 20.52 3.75 -7.23
N ASN B 149 19.42 4.22 -7.81
CA ASN B 149 19.13 5.68 -8.00
C ASN B 149 18.81 6.46 -6.71
N GLY B 150 18.49 5.74 -5.62
N GLY B 150 18.49 5.75 -5.63
N GLY B 150 18.42 5.75 -5.64
N GLY B 150 18.42 5.75 -5.64
CA GLY B 150 18.02 6.35 -4.35
CA GLY B 150 18.02 6.34 -4.36
CA GLY B 150 18.03 6.35 -4.35
CA GLY B 150 18.04 6.34 -4.34
C GLY B 150 16.51 6.45 -4.32
C GLY B 150 16.51 6.45 -4.32
C GLY B 150 16.52 6.41 -4.16
C GLY B 150 16.52 6.40 -4.16
N SER B 151 15.86 6.26 -5.47
N SER B 151 15.85 6.30 -5.46
N SER B 151 15.74 6.19 -5.23
N SER B 151 15.77 6.11 -5.24
CA SER B 151 14.38 6.18 -5.63
CA SER B 151 14.37 6.23 -5.59
CA SER B 151 14.24 6.17 -5.19
CA SER B 151 14.28 6.07 -5.32
C SER B 151 13.87 4.90 -4.97
C SER B 151 13.86 4.93 -4.96
C SER B 151 13.75 4.91 -4.46
C SER B 151 13.72 4.79 -4.67
N TYR B 152 12.56 4.84 -4.69
N TYR B 152 12.56 4.84 -4.69
N TYR B 152 12.43 4.81 -4.26
N TYR B 152 12.44 4.81 -4.26
CA TYR B 152 11.90 3.75 -3.94
CA TYR B 152 11.90 3.75 -3.94
CA TYR B 152 11.73 3.64 -3.64
CA TYR B 152 11.73 3.65 -3.65
C TYR B 152 11.04 2.90 -4.89
C TYR B 152 11.04 2.90 -4.89
C TYR B 152 10.93 2.90 -4.73
C TYR B 152 10.93 2.90 -4.73
N VAL B 153 11.06 1.57 -4.73
CA VAL B 153 10.22 0.66 -5.55
C VAL B 153 9.47 -0.24 -4.55
N SER B 154 8.13 -0.19 -4.59
CA SER B 154 7.23 -0.96 -3.68
C SER B 154 6.77 -2.24 -4.41
N ALA B 155 6.73 -3.35 -3.64
CA ALA B 155 5.96 -4.54 -4.08
C ALA B 155 4.48 -4.00 -4.27
N ILE B 156 3.75 -4.67 -5.18
CA ILE B 156 2.27 -4.88 -4.92
C ILE B 156 1.95 -5.99 -3.94
N THR B 157 1.86 -5.66 -2.65
CA THR B 157 1.63 -6.66 -1.55
C THR B 157 0.10 -6.97 -1.51
N GLN B 158 -0.30 -8.28 -1.81
CA GLN B 158 -1.68 -8.77 -1.66
C GLN B 158 -1.73 -9.87 -0.59
N GLY B 159 -2.82 -9.97 0.17
CA GLY B 159 -3.01 -11.07 1.13
C GLY B 159 -3.71 -12.23 0.43
N LYS B 160 -4.21 -13.18 1.20
CA LYS B 160 -5.01 -14.32 0.67
C LYS B 160 -6.37 -14.22 1.37
N ARG B 161 -7.46 -14.57 0.67
CA ARG B 161 -8.84 -14.60 1.24
C ARG B 161 -9.21 -16.07 1.48
N GLU B 162 -9.48 -16.46 2.73
CA GLU B 162 -9.83 -17.85 3.15
C GLU B 162 -11.36 -18.02 3.13
S DMS C . 8.69 5.32 1.99
S DMS C . 8.69 5.32 1.99
O DMS C . 10.01 5.07 1.33
O DMS C . 10.01 5.07 1.33
C1 DMS C . 8.36 3.90 3.00
C1 DMS C . 8.36 3.90 3.00
C2 DMS C . 7.45 5.03 0.76
C2 DMS C . 7.45 5.02 0.75
S DMS D . 1.62 -3.45 19.79
S DMS D . 1.62 -3.45 19.79
O DMS D . 1.16 -4.53 18.84
O DMS D . 1.16 -4.53 18.84
C1 DMS D . 0.14 -2.68 20.40
C1 DMS D . 0.14 -2.68 20.40
C2 DMS D . 2.19 -2.11 18.78
C2 DMS D . 2.19 -2.11 18.78
S DMS E . 10.01 0.18 2.62
S DMS E . 10.01 0.18 2.62
O DMS E . 11.12 -0.74 2.21
O DMS E . 11.11 -0.74 2.21
C1 DMS E . 9.15 -0.64 3.93
C1 DMS E . 9.15 -0.64 3.93
C2 DMS E . 10.79 1.45 3.59
C2 DMS E . 10.79 1.45 3.59
N1 A1BG3 F . 8.47 1.55 4.11
N1 A1BG3 F . 8.47 1.55 4.11
N3 A1BG3 F . 9.19 -0.04 7.25
N3 A1BG3 F . 9.19 -0.04 7.25
C4 A1BG3 F . 10.50 4.89 2.66
C4 A1BG3 F . 10.50 4.89 2.66
C5 A1BG3 F . 9.13 4.56 2.18
C5 A1BG3 F . 9.13 4.56 2.18
C6 A1BG3 F . 8.66 5.15 0.99
C6 A1BG3 F . 8.66 5.15 0.99
C7 A1BG3 F . 7.41 4.86 0.48
C7 A1BG3 F . 7.41 4.86 0.48
C8 A1BG3 F . 6.60 3.94 1.12
C8 A1BG3 F . 6.60 3.94 1.12
C10 A1BG3 F . 8.29 3.61 2.81
C10 A1BG3 F . 8.29 3.61 2.81
C13 A1BG3 F . 8.68 -0.67 5.28
C13 A1BG3 F . 8.68 -0.67 5.28
C15 A1BG3 F . 9.06 1.11 6.54
C15 A1BG3 F . 9.06 1.11 6.54
C17 A1BG3 F . 13.05 5.40 3.49
C17 A1BG3 F . 13.05 5.40 3.49
C1 A1BG3 F . 12.61 7.89 3.68
C1 A1BG3 F . 12.61 7.89 3.68
C2 A1BG3 F . 12.18 6.48 3.37
C2 A1BG3 F . 12.18 6.48 3.37
C3 A1BG3 F . 10.89 6.21 2.93
C3 A1BG3 F . 10.89 6.21 2.93
C9 A1BG3 F . 7.03 3.33 2.27
C9 A1BG3 F . 7.03 3.33 2.27
C11 A1BG3 F . 8.66 2.90 4.08
C11 A1BG3 F . 8.66 2.90 4.08
O1 A1BG3 F . 9.11 3.52 5.04
O1 A1BG3 F . 9.11 3.52 5.04
C12 A1BG3 F . 8.72 0.73 5.24
C12 A1BG3 F . 8.72 0.73 5.24
N2 A1BG3 F . 8.95 -1.15 6.47
N2 A1BG3 F . 8.95 -1.15 6.47
C14 A1BG3 F . 9.54 -0.21 8.66
C14 A1BG3 F . 9.54 -0.21 8.66
C16 A1BG3 F . 11.48 3.91 2.82
C16 A1BG3 F . 11.48 3.91 2.82
N4 A1BG3 F . 12.74 4.16 3.24
N4 A1BG3 F . 12.74 4.16 3.24
F1 A1BG3 F . 14.31 5.61 3.90
F1 A1BG3 F . 14.31 5.61 3.90
S SO4 G . 0.77 -3.41 19.80
S SO4 G . 0.77 -3.41 19.80
O1 SO4 G . 1.92 -2.68 19.27
O1 SO4 G . 1.92 -2.68 19.27
O2 SO4 G . 1.05 -3.84 21.16
O2 SO4 G . 1.05 -3.84 21.16
O3 SO4 G . -0.37 -2.56 19.80
O3 SO4 G . -0.37 -2.56 19.80
O4 SO4 G . 0.53 -4.58 18.98
O4 SO4 G . 0.53 -4.58 18.98
#